data_7S7G
#
_entry.id   7S7G
#
_cell.length_a   75.260
_cell.length_b   108.270
_cell.length_c   149.650
_cell.angle_alpha   90.000
_cell.angle_beta   90.000
_cell.angle_gamma   90.000
#
_symmetry.space_group_name_H-M   'C 2 2 21'
#
loop_
_entity.id
_entity.type
_entity.pdbx_description
1 polymer 'Very long-chain specific acyl-CoA dehydrogenase, mitochondrial'
2 non-polymer 'FLAVIN-ADENINE DINUCLEOTIDE'
3 water water
#
_entity_poly.entity_id   1
_entity_poly.type   'polypeptide(L)'
_entity_poly.pdbx_seq_one_letter_code
;MGHHHHHHHHHHSSGHIDDDDKHMAGGAAQESKSFAVGMFKGQLTTDQVFPYPSVLNEEQTQFLKELVEPVSRFFEEVND
PAKNDALEMVEETTWQGLKELGAFGLQVPSELGGVGLCNTQYARLVEIVGMHDLGVGITLGAHQSIGFKGILLFGTKAQK
EKYLPKLASGETVAAFCLTEPSSGSDAASIRTSAVPSPCGKYYTLNGSKLWISNGGLADIFTVFAKTPVTDPATGAVKEK
ITAFVVERGFGGITHGPPEKKMGIKASNTAEVFFDGVRVPSENVLGEVGSGFKVAMHILNNGRFGMAAALAGTMRGIIAK
AVDHATNRTQFGEKIHNFGLIQEKLARMVMLQYVTESMAYMVSANMDQGATDFQIEAAISKIFGSEAAWKVTDECIQIMG
GMGFMKEPGVERVLRDLRIFRIFEGTNDILRLFVALQGCMDKGKELSGLGSALKNPFGNAGLLLGEAGKQLRRRAGLGSG
LSLSGLVHPELSRSGELAVRALEQFATVVEAKLIKHKKGIVNEQFLLQRLADGAIDLYAMVVVLSRASRSLSEGHPTAQH
EKMLCDTWCIEAAARIREGMAALQSDPWQQELYRNFKSISKALVERGGVVTSNPLGF
;
_entity_poly.pdbx_strand_id   A
#
# COMPACT_ATOMS: atom_id res chain seq x y z
N GLU A 31 22.46 7.50 10.24
CA GLU A 31 22.02 6.20 9.72
C GLU A 31 20.54 6.05 9.81
N SER A 32 20.00 5.30 8.87
CA SER A 32 18.56 5.10 8.78
C SER A 32 18.04 4.35 10.00
N LYS A 33 16.86 4.73 10.46
CA LYS A 33 16.18 3.99 11.51
C LYS A 33 15.19 2.96 10.98
N SER A 34 15.13 2.76 9.67
CA SER A 34 14.25 1.77 9.06
C SER A 34 14.77 0.35 9.25
N PHE A 35 13.88 -0.52 9.74
CA PHE A 35 14.20 -1.96 9.79
C PHE A 35 14.46 -2.52 8.41
N ALA A 36 13.64 -2.17 7.44
CA ALA A 36 13.81 -2.72 6.10
C ALA A 36 15.12 -2.27 5.46
N VAL A 37 15.49 -0.99 5.61
CA VAL A 37 16.80 -0.58 5.12
C VAL A 37 17.90 -1.39 5.80
N GLY A 38 17.81 -1.59 7.11
CA GLY A 38 18.87 -2.30 7.82
C GLY A 38 18.98 -3.74 7.39
N MET A 39 17.82 -4.40 7.16
CA MET A 39 17.90 -5.85 6.89
C MET A 39 18.61 -6.18 5.58
N PHE A 40 18.51 -5.32 4.56
CA PHE A 40 19.20 -5.56 3.32
C PHE A 40 20.71 -5.46 3.51
N LYS A 41 21.17 -4.79 4.56
CA LYS A 41 22.60 -4.66 4.89
C LYS A 41 23.04 -5.68 5.93
N GLY A 42 22.15 -6.57 6.36
CA GLY A 42 22.49 -7.54 7.40
C GLY A 42 22.53 -6.97 8.79
N GLN A 43 21.85 -5.85 8.99
CA GLN A 43 21.81 -5.18 10.28
C GLN A 43 20.43 -5.41 10.89
N LEU A 44 20.37 -5.35 12.22
CA LEU A 44 19.11 -5.39 12.96
C LEU A 44 18.89 -3.99 13.48
N THR A 45 18.07 -3.21 12.78
CA THR A 45 17.76 -1.85 13.20
C THR A 45 16.33 -1.88 13.72
N THR A 46 16.17 -1.76 15.03
CA THR A 46 14.88 -2.09 15.61
C THR A 46 14.08 -0.92 16.16
N ASP A 47 14.58 0.31 16.03
CA ASP A 47 13.91 1.46 16.65
C ASP A 47 12.45 1.61 16.23
N GLN A 48 12.12 1.31 15.00
CA GLN A 48 10.78 1.49 14.45
C GLN A 48 9.95 0.22 14.54
N VAL A 49 10.45 -0.82 15.21
CA VAL A 49 9.75 -2.10 15.31
C VAL A 49 9.48 -2.50 16.77
N PHE A 50 10.50 -2.45 17.64
CA PHE A 50 10.38 -2.90 19.02
C PHE A 50 10.60 -1.72 19.97
N PRO A 51 9.82 -1.59 21.04
CA PRO A 51 8.62 -2.39 21.31
C PRO A 51 7.49 -1.97 20.37
N TYR A 52 6.48 -2.82 20.26
CA TYR A 52 5.40 -2.48 19.33
C TYR A 52 4.81 -1.13 19.74
N PRO A 53 4.75 -0.18 18.82
CA PRO A 53 4.57 1.21 19.24
C PRO A 53 3.18 1.52 19.75
N SER A 54 3.13 2.38 20.78
CA SER A 54 1.90 2.96 21.30
CA SER A 54 1.90 2.97 21.27
C SER A 54 2.04 4.47 21.14
N VAL A 55 1.11 5.10 20.45
CA VAL A 55 1.30 6.51 20.14
C VAL A 55 0.23 7.41 20.72
N LEU A 56 -0.97 6.94 21.03
CA LEU A 56 -2.06 7.84 21.42
C LEU A 56 -1.97 8.23 22.88
N ASN A 57 -2.19 9.51 23.16
CA ASN A 57 -2.33 9.93 24.55
C ASN A 57 -3.76 9.63 25.02
N GLU A 58 -4.03 9.85 26.32
CA GLU A 58 -5.32 9.41 26.88
C GLU A 58 -6.50 10.15 26.23
N GLU A 59 -6.33 11.45 25.97
CA GLU A 59 -7.39 12.21 25.31
C GLU A 59 -7.64 11.76 23.86
N GLN A 60 -6.58 11.46 23.12
CA GLN A 60 -6.73 10.93 21.77
C GLN A 60 -7.47 9.60 21.78
N THR A 61 -7.18 8.74 22.78
CA THR A 61 -7.85 7.45 22.89
C THR A 61 -9.34 7.63 23.15
N GLN A 62 -9.71 8.50 24.11
CA GLN A 62 -11.11 8.68 24.38
C GLN A 62 -11.83 9.33 23.20
N PHE A 63 -11.20 10.31 22.55
CA PHE A 63 -11.83 10.94 21.38
C PHE A 63 -12.09 9.91 20.29
N LEU A 64 -11.11 9.03 20.04
CA LEU A 64 -11.28 7.98 19.04
C LEU A 64 -12.40 7.04 19.42
N LYS A 65 -12.49 6.64 20.70
CA LYS A 65 -13.61 5.79 21.12
C LYS A 65 -14.97 6.43 20.80
N GLU A 66 -15.08 7.75 21.03
CA GLU A 66 -16.33 8.47 20.78
C GLU A 66 -16.65 8.63 19.29
N LEU A 67 -15.69 8.34 18.42
CA LEU A 67 -15.94 8.31 16.99
C LEU A 67 -16.23 6.91 16.51
N VAL A 68 -15.55 5.90 17.06
CA VAL A 68 -15.77 4.52 16.60
C VAL A 68 -17.23 4.15 16.71
N GLU A 69 -17.89 4.56 17.79
CA GLU A 69 -19.27 4.14 17.97
C GLU A 69 -20.19 4.70 16.90
N PRO A 70 -20.26 6.01 16.63
CA PRO A 70 -21.19 6.49 15.60
C PRO A 70 -20.78 6.07 14.20
N VAL A 71 -19.48 5.95 13.91
CA VAL A 71 -19.10 5.50 12.58
C VAL A 71 -19.53 4.04 12.36
N SER A 72 -19.33 3.19 13.37
CA SER A 72 -19.79 1.81 13.24
C SER A 72 -21.29 1.72 13.07
N ARG A 73 -22.04 2.45 13.92
CA ARG A 73 -23.51 2.42 13.78
C ARG A 73 -23.95 2.88 12.41
N PHE A 74 -23.29 3.91 11.86
CA PHE A 74 -23.68 4.42 10.56
C PHE A 74 -23.53 3.33 9.50
N PHE A 75 -22.41 2.62 9.51
CA PHE A 75 -22.23 1.56 8.53
C PHE A 75 -23.15 0.37 8.78
N GLU A 76 -23.55 0.12 10.04
CA GLU A 76 -24.44 -0.98 10.35
C GLU A 76 -25.88 -0.64 9.99
N GLU A 77 -26.29 0.64 10.12
CA GLU A 77 -27.70 0.98 10.12
C GLU A 77 -28.12 1.86 8.95
N VAL A 78 -27.21 2.60 8.31
CA VAL A 78 -27.54 3.54 7.25
C VAL A 78 -27.02 3.06 5.89
N ASN A 79 -25.69 2.80 5.81
CA ASN A 79 -25.13 2.32 4.57
C ASN A 79 -25.62 0.92 4.23
N ASP A 80 -25.78 0.67 2.94
CA ASP A 80 -26.14 -0.66 2.44
C ASP A 80 -25.19 -0.99 1.30
N PRO A 81 -24.18 -1.84 1.54
CA PRO A 81 -23.14 -2.04 0.52
C PRO A 81 -23.67 -2.77 -0.69
N ALA A 82 -24.63 -3.71 -0.52
CA ALA A 82 -25.18 -4.38 -1.69
C ALA A 82 -25.95 -3.39 -2.56
N LYS A 83 -26.68 -2.45 -1.95
CA LYS A 83 -27.41 -1.46 -2.72
C LYS A 83 -26.45 -0.54 -3.48
N ASN A 84 -25.38 -0.08 -2.83
CA ASN A 84 -24.48 0.81 -3.54
C ASN A 84 -23.86 0.06 -4.73
N ASP A 85 -23.56 -1.24 -4.55
CA ASP A 85 -22.99 -2.02 -5.66
C ASP A 85 -24.00 -2.17 -6.79
N ALA A 86 -25.27 -2.41 -6.44
CA ALA A 86 -26.30 -2.57 -7.47
C ALA A 86 -26.57 -1.27 -8.22
N LEU A 87 -26.53 -0.17 -7.52
CA LEU A 87 -26.81 1.13 -8.13
C LEU A 87 -25.60 1.74 -8.85
N GLU A 88 -24.40 1.22 -8.56
CA GLU A 88 -23.14 1.71 -9.12
C GLU A 88 -22.95 3.17 -8.70
N MET A 89 -23.37 3.50 -7.48
CA MET A 89 -23.12 4.82 -6.87
C MET A 89 -23.41 4.71 -5.38
N VAL A 90 -22.93 5.67 -4.59
CA VAL A 90 -23.27 5.69 -3.17
C VAL A 90 -24.66 6.30 -3.03
N GLU A 91 -25.57 5.60 -2.34
CA GLU A 91 -26.91 6.19 -2.14
C GLU A 91 -26.84 7.59 -1.54
N GLU A 92 -27.77 8.46 -1.97
CA GLU A 92 -27.71 9.86 -1.57
C GLU A 92 -27.78 10.05 -0.06
N THR A 93 -28.70 9.33 0.62
CA THR A 93 -28.77 9.47 2.07
C THR A 93 -27.46 9.07 2.74
N THR A 94 -26.81 8.01 2.23
CA THR A 94 -25.51 7.62 2.75
C THR A 94 -24.45 8.70 2.48
N TRP A 95 -24.44 9.23 1.26
CA TRP A 95 -23.45 10.25 0.90
C TRP A 95 -23.59 11.47 1.80
N GLN A 96 -24.81 11.99 1.94
CA GLN A 96 -24.99 13.13 2.81
C GLN A 96 -24.67 12.79 4.26
N GLY A 97 -25.04 11.57 4.70
CA GLY A 97 -24.72 11.21 6.07
C GLY A 97 -23.22 11.15 6.34
N LEU A 98 -22.44 10.66 5.36
CA LEU A 98 -20.99 10.64 5.48
C LEU A 98 -20.41 12.06 5.64
N LYS A 99 -20.95 13.02 4.88
CA LYS A 99 -20.48 14.39 5.03
C LYS A 99 -20.74 14.89 6.45
N GLU A 100 -21.95 14.63 6.97
CA GLU A 100 -22.30 15.11 8.30
C GLU A 100 -21.44 14.43 9.38
N LEU A 101 -21.03 13.19 9.15
CA LEU A 101 -20.18 12.49 10.10
C LEU A 101 -18.77 13.04 10.15
N GLY A 102 -18.39 13.89 9.21
CA GLY A 102 -17.02 14.33 9.15
C GLY A 102 -16.09 13.45 8.34
N ALA A 103 -16.62 12.43 7.69
CA ALA A 103 -15.81 11.38 7.04
C ALA A 103 -15.03 11.86 5.80
N PHE A 104 -15.29 13.07 5.28
CA PHE A 104 -14.52 13.58 4.15
C PHE A 104 -13.28 14.35 4.60
N GLY A 105 -13.06 14.49 5.92
CA GLY A 105 -12.00 15.36 6.40
C GLY A 105 -11.34 14.80 7.65
N LEU A 106 -11.17 13.49 7.73
CA LEU A 106 -10.79 12.88 9.00
C LEU A 106 -9.43 13.35 9.48
N GLN A 107 -8.47 13.64 8.59
CA GLN A 107 -7.13 14.08 8.99
C GLN A 107 -6.89 15.57 8.83
N VAL A 108 -7.91 16.31 8.46
CA VAL A 108 -7.77 17.77 8.34
C VAL A 108 -7.81 18.36 9.75
N PRO A 109 -6.90 19.26 10.12
CA PRO A 109 -6.94 19.82 11.48
C PRO A 109 -8.29 20.46 11.79
N SER A 110 -8.67 20.42 13.07
CA SER A 110 -9.94 20.99 13.48
C SER A 110 -10.06 22.47 13.12
N GLU A 111 -8.96 23.23 13.18
CA GLU A 111 -8.99 24.66 12.90
C GLU A 111 -9.26 24.93 11.43
N LEU A 112 -9.09 23.92 10.56
CA LEU A 112 -9.39 24.00 9.14
C LEU A 112 -10.64 23.23 8.76
N GLY A 113 -11.47 22.87 9.73
CA GLY A 113 -12.75 22.27 9.45
C GLY A 113 -12.83 20.76 9.52
N GLY A 114 -11.77 20.06 9.89
CA GLY A 114 -11.76 18.62 9.90
C GLY A 114 -11.90 18.01 11.28
N VAL A 115 -11.67 16.69 11.34
CA VAL A 115 -11.77 15.93 12.57
C VAL A 115 -10.46 15.90 13.35
N GLY A 116 -9.34 16.19 12.69
CA GLY A 116 -8.08 16.39 13.38
C GLY A 116 -7.40 15.10 13.82
N LEU A 117 -7.65 14.00 13.13
CA LEU A 117 -7.07 12.73 13.53
C LEU A 117 -5.64 12.56 13.04
N CYS A 118 -4.86 11.82 13.85
CA CYS A 118 -3.52 11.39 13.42
C CYS A 118 -3.63 10.10 12.59
N ASN A 119 -2.48 9.57 12.13
CA ASN A 119 -2.51 8.44 11.23
C ASN A 119 -3.08 7.20 11.92
N THR A 120 -2.68 6.96 13.18
CA THR A 120 -3.19 5.78 13.91
C THR A 120 -4.71 5.89 14.14
N GLN A 121 -5.19 7.08 14.52
CA GLN A 121 -6.64 7.25 14.63
C GLN A 121 -7.35 7.02 13.30
N TYR A 122 -6.79 7.57 12.20
CA TYR A 122 -7.35 7.34 10.87
C TYR A 122 -7.41 5.85 10.57
N ALA A 123 -6.31 5.11 10.85
CA ALA A 123 -6.28 3.67 10.58
C ALA A 123 -7.44 2.95 11.25
N ARG A 124 -7.76 3.34 12.50
CA ARG A 124 -8.84 2.70 13.22
C ARG A 124 -10.18 2.92 12.54
N LEU A 125 -10.44 4.14 12.05
CA LEU A 125 -11.73 4.36 11.40
C LEU A 125 -11.77 3.74 10.01
N VAL A 126 -10.66 3.76 9.25
CA VAL A 126 -10.74 3.12 7.93
C VAL A 126 -10.87 1.61 8.03
N GLU A 127 -10.43 1.00 9.13
CA GLU A 127 -10.70 -0.42 9.33
C GLU A 127 -12.20 -0.69 9.42
N ILE A 128 -12.98 0.24 10.01
CA ILE A 128 -14.45 0.07 10.02
C ILE A 128 -14.99 0.14 8.61
N VAL A 129 -14.57 1.16 7.84
CA VAL A 129 -15.06 1.31 6.49
C VAL A 129 -14.71 0.08 5.66
N GLY A 130 -13.45 -0.38 5.77
CA GLY A 130 -13.05 -1.52 4.95
C GLY A 130 -13.80 -2.79 5.34
N MET A 131 -14.15 -2.95 6.62
CA MET A 131 -14.93 -4.11 7.03
C MET A 131 -16.31 -4.13 6.36
N HIS A 132 -16.87 -2.97 6.05
CA HIS A 132 -18.27 -2.86 5.60
C HIS A 132 -18.44 -2.57 4.13
N ASP A 133 -17.62 -1.72 3.51
CA ASP A 133 -17.95 -1.28 2.14
C ASP A 133 -16.71 -0.68 1.49
N LEU A 134 -16.02 -1.49 0.69
CA LEU A 134 -14.82 -1.00 -0.01
C LEU A 134 -15.13 -0.03 -1.10
N GLY A 135 -16.35 -0.02 -1.65
CA GLY A 135 -16.67 1.01 -2.64
C GLY A 135 -16.77 2.40 -2.02
N VAL A 136 -17.45 2.48 -0.89
CA VAL A 136 -17.39 3.72 -0.07
C VAL A 136 -15.95 4.01 0.35
N GLY A 137 -15.21 2.98 0.76
CA GLY A 137 -13.84 3.20 1.21
C GLY A 137 -12.95 3.82 0.16
N ILE A 138 -13.04 3.34 -1.09
CA ILE A 138 -12.21 3.91 -2.15
C ILE A 138 -12.66 5.34 -2.46
N THR A 139 -13.99 5.62 -2.43
CA THR A 139 -14.42 7.00 -2.67
CA THR A 139 -14.43 7.01 -2.66
C THR A 139 -13.86 7.95 -1.61
N LEU A 140 -13.91 7.54 -0.33
CA LEU A 140 -13.35 8.42 0.72
C LEU A 140 -11.83 8.48 0.68
N GLY A 141 -11.19 7.36 0.33
CA GLY A 141 -9.74 7.36 0.23
C GLY A 141 -9.22 8.16 -0.97
N ALA A 142 -9.86 7.98 -2.12
CA ALA A 142 -9.47 8.77 -3.26
C ALA A 142 -9.62 10.26 -2.94
N HIS A 143 -10.66 10.61 -2.17
CA HIS A 143 -10.82 12.03 -1.79
C HIS A 143 -9.68 12.48 -0.88
N GLN A 144 -9.43 11.79 0.25
CA GLN A 144 -8.57 12.36 1.28
C GLN A 144 -7.23 11.66 1.48
N SER A 145 -7.13 10.37 1.19
CA SER A 145 -5.83 9.70 1.30
CA SER A 145 -5.83 9.74 1.32
C SER A 145 -4.87 10.17 0.22
N ILE A 146 -5.38 10.42 -1.01
CA ILE A 146 -4.55 10.87 -2.13
C ILE A 146 -5.10 12.12 -2.81
N GLY A 147 -6.42 12.34 -2.85
CA GLY A 147 -6.98 13.42 -3.71
C GLY A 147 -6.60 14.83 -3.28
N PHE A 148 -6.62 15.11 -1.99
CA PHE A 148 -6.15 16.43 -1.53
C PHE A 148 -4.99 16.31 -0.55
N LYS A 149 -4.49 15.09 -0.35
CA LYS A 149 -3.42 14.84 0.62
C LYS A 149 -2.21 15.74 0.34
N GLY A 150 -1.95 16.04 -0.92
CA GLY A 150 -0.83 16.90 -1.24
C GLY A 150 -0.97 18.28 -0.66
N ILE A 151 -2.20 18.79 -0.51
CA ILE A 151 -2.39 20.08 0.17
C ILE A 151 -1.99 19.97 1.64
N LEU A 152 -2.34 18.84 2.32
CA LEU A 152 -1.92 18.66 3.71
C LEU A 152 -0.39 18.57 3.83
N LEU A 153 0.27 17.89 2.88
CA LEU A 153 1.71 17.66 2.99
C LEU A 153 2.55 18.83 2.50
N PHE A 154 2.10 19.53 1.46
CA PHE A 154 2.92 20.52 0.76
C PHE A 154 2.26 21.87 0.62
N GLY A 155 1.01 22.02 1.05
CA GLY A 155 0.32 23.28 0.83
C GLY A 155 0.94 24.44 1.60
N THR A 156 0.90 25.61 0.99
CA THR A 156 1.24 26.80 1.75
C THR A 156 0.11 27.10 2.74
N LYS A 157 0.38 28.01 3.67
CA LYS A 157 -0.67 28.44 4.58
C LYS A 157 -1.90 28.95 3.82
N ALA A 158 -1.68 29.78 2.79
CA ALA A 158 -2.80 30.29 1.99
C ALA A 158 -3.56 29.18 1.29
N GLN A 159 -2.85 28.19 0.71
CA GLN A 159 -3.55 27.08 0.06
C GLN A 159 -4.38 26.28 1.06
N LYS A 160 -3.81 25.99 2.24
CA LYS A 160 -4.54 25.20 3.23
C LYS A 160 -5.82 25.91 3.66
N GLU A 161 -5.72 27.22 3.94
CA GLU A 161 -6.86 27.94 4.48
C GLU A 161 -7.94 28.09 3.41
N LYS A 162 -7.53 28.25 2.14
CA LYS A 162 -8.47 28.41 1.03
C LYS A 162 -9.23 27.12 0.73
N TYR A 163 -8.53 25.99 0.69
CA TYR A 163 -9.13 24.76 0.17
C TYR A 163 -9.61 23.78 1.21
N LEU A 164 -8.92 23.67 2.36
CA LEU A 164 -9.21 22.52 3.25
C LEU A 164 -10.61 22.56 3.87
N PRO A 165 -11.20 23.71 4.23
CA PRO A 165 -12.52 23.63 4.90
C PRO A 165 -13.59 22.96 4.06
N LYS A 166 -13.70 23.30 2.77
CA LYS A 166 -14.71 22.68 1.92
C LYS A 166 -14.33 21.26 1.50
N LEU A 167 -13.03 20.92 1.48
CA LEU A 167 -12.67 19.53 1.27
C LEU A 167 -13.13 18.70 2.46
N ALA A 168 -12.91 19.22 3.67
CA ALA A 168 -13.20 18.46 4.89
C ALA A 168 -14.70 18.26 5.11
N SER A 169 -15.54 19.19 4.64
CA SER A 169 -16.99 19.04 4.75
C SER A 169 -17.57 18.19 3.63
N GLY A 170 -16.77 17.89 2.61
CA GLY A 170 -17.27 17.23 1.42
C GLY A 170 -18.02 18.12 0.47
N GLU A 171 -18.03 19.44 0.71
CA GLU A 171 -18.66 20.34 -0.25
C GLU A 171 -17.90 20.33 -1.57
N THR A 172 -16.57 20.18 -1.52
CA THR A 172 -15.78 19.96 -2.74
C THR A 172 -15.10 18.59 -2.61
N VAL A 173 -15.47 17.64 -3.47
CA VAL A 173 -14.77 16.35 -3.53
C VAL A 173 -13.46 16.52 -4.30
N ALA A 174 -12.43 15.77 -3.89
CA ALA A 174 -11.12 15.77 -4.55
C ALA A 174 -10.85 14.48 -5.34
N ALA A 175 -9.92 14.60 -6.29
CA ALA A 175 -9.40 13.50 -7.10
C ALA A 175 -7.91 13.67 -7.38
N PHE A 176 -7.19 12.56 -7.39
CA PHE A 176 -5.76 12.49 -7.67
C PHE A 176 -5.60 12.14 -9.14
N CYS A 177 -5.04 13.07 -9.92
CA CYS A 177 -5.03 12.98 -11.39
C CYS A 177 -3.62 12.75 -11.91
N LEU A 178 -3.20 11.49 -11.93
CA LEU A 178 -1.89 11.10 -12.41
C LEU A 178 -1.97 10.28 -13.69
N THR A 179 -2.69 9.14 -13.66
CA THR A 179 -2.70 8.19 -14.76
C THR A 179 -3.27 8.81 -16.03
N GLU A 180 -2.71 8.40 -17.17
CA GLU A 180 -3.16 8.77 -18.50
C GLU A 180 -3.24 7.53 -19.37
N PRO A 181 -3.84 7.64 -20.57
CA PRO A 181 -3.85 6.47 -21.47
C PRO A 181 -2.47 5.88 -21.70
N SER A 182 -1.43 6.70 -21.78
CA SER A 182 -0.09 6.22 -22.06
C SER A 182 0.70 5.85 -20.83
N SER A 183 0.25 6.22 -19.64
CA SER A 183 1.18 6.21 -18.49
C SER A 183 0.44 5.85 -17.22
N GLY A 184 0.81 4.74 -16.62
CA GLY A 184 0.24 4.23 -15.41
C GLY A 184 1.34 4.03 -14.40
N SER A 185 2.01 2.89 -14.50
CA SER A 185 3.17 2.63 -13.63
C SER A 185 4.28 3.66 -13.86
N ASP A 186 4.50 4.05 -15.10
CA ASP A 186 5.63 4.96 -15.42
C ASP A 186 5.11 6.39 -15.38
N ALA A 187 5.03 6.95 -14.15
CA ALA A 187 4.54 8.31 -14.00
C ALA A 187 5.41 9.32 -14.70
N ALA A 188 6.71 9.05 -14.83
CA ALA A 188 7.62 10.01 -15.42
C ALA A 188 7.27 10.25 -16.89
N SER A 189 6.49 9.37 -17.51
CA SER A 189 6.17 9.45 -18.93
C SER A 189 4.89 10.21 -19.26
N ILE A 190 4.25 10.85 -18.26
CA ILE A 190 2.99 11.53 -18.52
C ILE A 190 3.17 12.62 -19.60
N ARG A 191 2.07 12.92 -20.31
CA ARG A 191 2.06 13.82 -21.45
C ARG A 191 1.25 15.09 -21.23
N THR A 192 0.33 15.10 -20.25
CA THR A 192 -0.38 16.32 -19.94
C THR A 192 0.63 17.43 -19.68
N SER A 193 0.37 18.64 -20.21
CA SER A 193 1.34 19.71 -20.19
C SER A 193 0.76 20.97 -19.55
N ALA A 194 1.63 21.77 -18.93
CA ALA A 194 1.23 23.06 -18.38
C ALA A 194 2.30 24.08 -18.76
N VAL A 195 1.90 25.13 -19.45
CA VAL A 195 2.83 26.04 -20.09
C VAL A 195 2.67 27.40 -19.43
N PRO A 196 3.73 28.03 -18.95
CA PRO A 196 3.59 29.30 -18.24
C PRO A 196 3.25 30.43 -19.19
N SER A 197 2.44 31.37 -18.71
CA SER A 197 2.17 32.60 -19.45
C SER A 197 3.41 33.49 -19.48
N PRO A 198 3.48 34.43 -20.43
CA PRO A 198 4.58 35.40 -20.42
C PRO A 198 4.73 36.17 -19.11
N CYS A 199 3.63 36.60 -18.49
CA CYS A 199 3.72 37.29 -17.20
C CYS A 199 4.10 36.33 -16.07
N GLY A 200 3.92 35.02 -16.26
CA GLY A 200 4.07 34.08 -15.18
C GLY A 200 2.92 34.06 -14.19
N LYS A 201 1.82 34.74 -14.51
CA LYS A 201 0.67 34.76 -13.61
C LYS A 201 -0.09 33.45 -13.62
N TYR A 202 0.01 32.68 -14.70
CA TYR A 202 -0.76 31.44 -14.78
C TYR A 202 -0.07 30.44 -15.70
N TYR A 203 -0.59 29.22 -15.67
CA TYR A 203 -0.20 28.18 -16.60
C TYR A 203 -1.44 27.76 -17.37
N THR A 204 -1.25 27.37 -18.63
CA THR A 204 -2.30 26.78 -19.44
C THR A 204 -2.10 25.27 -19.49
N LEU A 205 -3.11 24.54 -19.00
CA LEU A 205 -3.03 23.09 -18.81
C LEU A 205 -3.84 22.38 -19.89
N ASN A 206 -3.21 21.39 -20.54
CA ASN A 206 -3.85 20.60 -21.60
C ASN A 206 -3.50 19.13 -21.42
N GLY A 207 -4.51 18.27 -21.42
CA GLY A 207 -4.24 16.85 -21.37
C GLY A 207 -5.49 16.06 -21.02
N SER A 208 -5.27 14.80 -20.77
CA SER A 208 -6.37 14.00 -20.27
C SER A 208 -5.83 12.95 -19.31
N LYS A 209 -6.67 12.55 -18.39
CA LYS A 209 -6.33 11.61 -17.34
C LYS A 209 -7.34 10.46 -17.37
N LEU A 210 -6.89 9.28 -16.99
CA LEU A 210 -7.66 8.05 -17.20
C LEU A 210 -7.87 7.31 -15.87
N TRP A 211 -9.08 6.77 -15.71
CA TRP A 211 -9.44 5.92 -14.55
C TRP A 211 -9.29 6.70 -13.26
N ILE A 212 -9.77 7.94 -13.22
CA ILE A 212 -9.58 8.76 -12.03
C ILE A 212 -10.75 8.51 -11.07
N SER A 213 -10.44 8.05 -9.87
CA SER A 213 -11.47 7.85 -8.85
C SER A 213 -12.00 9.23 -8.45
N ASN A 214 -13.32 9.36 -8.41
CA ASN A 214 -14.00 10.63 -8.19
C ASN A 214 -13.85 11.62 -9.36
N GLY A 215 -13.35 11.20 -10.53
CA GLY A 215 -13.13 12.16 -11.59
C GLY A 215 -14.40 12.87 -12.03
N GLY A 216 -15.55 12.18 -11.97
CA GLY A 216 -16.82 12.77 -12.36
C GLY A 216 -17.53 13.50 -11.24
N LEU A 217 -16.99 13.43 -10.02
CA LEU A 217 -17.60 14.06 -8.85
C LEU A 217 -16.79 15.22 -8.32
N ALA A 218 -15.51 15.29 -8.63
CA ALA A 218 -14.61 16.19 -7.96
C ALA A 218 -14.74 17.62 -8.43
N ASP A 219 -14.58 18.53 -7.49
CA ASP A 219 -14.40 19.95 -7.82
C ASP A 219 -12.96 20.41 -7.61
N ILE A 220 -12.12 19.61 -6.96
CA ILE A 220 -10.71 19.92 -6.73
C ILE A 220 -9.92 18.73 -7.27
N PHE A 221 -8.92 19.01 -8.09
CA PHE A 221 -8.08 17.97 -8.67
C PHE A 221 -6.63 18.26 -8.29
N THR A 222 -5.89 17.25 -7.84
CA THR A 222 -4.43 17.35 -7.78
C THR A 222 -3.91 16.81 -9.11
N VAL A 223 -3.36 17.70 -9.95
CA VAL A 223 -3.02 17.35 -11.33
C VAL A 223 -1.53 17.38 -11.52
N PHE A 224 -1.00 16.34 -12.14
CA PHE A 224 0.42 16.26 -12.48
C PHE A 224 0.60 16.51 -13.97
N ALA A 225 1.49 17.47 -14.30
CA ALA A 225 1.64 17.89 -15.68
C ALA A 225 3.09 18.27 -15.93
N LYS A 226 3.56 18.07 -17.18
CA LYS A 226 4.92 18.45 -17.54
C LYS A 226 4.99 19.95 -17.77
N THR A 227 5.99 20.60 -17.18
CA THR A 227 6.22 22.02 -17.32
C THR A 227 7.67 22.24 -17.73
N PRO A 228 7.96 23.32 -18.46
CA PRO A 228 9.36 23.72 -18.68
C PRO A 228 9.89 24.28 -17.37
N VAL A 229 11.06 23.80 -16.95
CA VAL A 229 11.69 24.22 -15.71
C VAL A 229 13.07 24.79 -16.02
N THR A 230 13.33 26.00 -15.53
CA THR A 230 14.58 26.69 -15.78
C THR A 230 15.62 26.27 -14.76
N ASP A 231 16.77 25.82 -15.24
CA ASP A 231 17.83 25.43 -14.31
C ASP A 231 18.33 26.69 -13.59
N PRO A 232 18.38 26.69 -12.26
CA PRO A 232 18.74 27.93 -11.57
C PRO A 232 20.14 28.43 -11.86
N ALA A 233 21.09 27.55 -12.17
CA ALA A 233 22.45 28.03 -12.45
C ALA A 233 22.61 28.48 -13.90
N THR A 234 22.23 27.65 -14.87
CA THR A 234 22.56 27.94 -16.28
C THR A 234 21.38 28.52 -17.04
N GLY A 235 20.15 28.36 -16.54
CA GLY A 235 19.00 28.78 -17.29
C GLY A 235 18.46 27.76 -18.30
N ALA A 236 19.21 26.68 -18.58
CA ALA A 236 18.74 25.69 -19.55
C ALA A 236 17.39 25.15 -19.10
N VAL A 237 16.50 24.93 -20.05
CA VAL A 237 15.11 24.54 -19.80
C VAL A 237 14.97 23.05 -20.06
N LYS A 238 14.35 22.34 -19.12
CA LYS A 238 14.09 20.90 -19.22
C LYS A 238 12.65 20.68 -18.78
N GLU A 239 11.96 19.73 -19.43
CA GLU A 239 10.58 19.42 -19.05
C GLU A 239 10.62 18.52 -17.83
N LYS A 240 9.86 18.88 -16.80
CA LYS A 240 9.78 18.07 -15.59
C LYS A 240 8.34 18.16 -15.09
N ILE A 241 7.92 17.18 -14.28
CA ILE A 241 6.56 17.21 -13.74
C ILE A 241 6.43 18.26 -12.65
N THR A 242 5.27 18.92 -12.62
CA THR A 242 4.84 19.84 -11.56
C THR A 242 3.43 19.44 -11.13
N ALA A 243 3.16 19.59 -9.85
CA ALA A 243 1.83 19.31 -9.29
C ALA A 243 1.06 20.62 -9.13
N PHE A 244 -0.25 20.57 -9.39
CA PHE A 244 -1.11 21.74 -9.31
C PHE A 244 -2.40 21.38 -8.57
N VAL A 245 -2.93 22.34 -7.81
CA VAL A 245 -4.31 22.30 -7.30
C VAL A 245 -5.19 22.98 -8.35
N VAL A 246 -6.10 22.21 -8.94
CA VAL A 246 -6.95 22.72 -10.02
C VAL A 246 -8.41 22.69 -9.57
N GLU A 247 -9.10 23.83 -9.72
CA GLU A 247 -10.54 23.92 -9.45
C GLU A 247 -11.35 23.64 -10.72
N ARG A 248 -12.42 22.82 -10.60
CA ARG A 248 -13.29 22.62 -11.76
C ARG A 248 -13.77 23.95 -12.34
N GLY A 249 -14.00 24.94 -11.48
CA GLY A 249 -14.50 26.27 -11.92
C GLY A 249 -13.49 27.13 -12.67
N PHE A 250 -12.22 26.69 -12.79
CA PHE A 250 -11.28 27.44 -13.61
C PHE A 250 -11.65 27.42 -15.09
N GLY A 251 -12.48 26.48 -15.51
CA GLY A 251 -12.97 26.37 -16.87
C GLY A 251 -12.15 25.40 -17.72
N GLY A 252 -12.79 24.82 -18.73
CA GLY A 252 -12.13 23.91 -19.65
C GLY A 252 -12.00 22.49 -19.16
N ILE A 253 -12.64 22.15 -18.05
CA ILE A 253 -12.54 20.81 -17.46
C ILE A 253 -13.85 20.07 -17.67
N THR A 254 -13.77 18.87 -18.23
CA THR A 254 -14.92 18.00 -18.41
C THR A 254 -14.51 16.60 -17.99
N HIS A 255 -15.49 15.72 -17.96
CA HIS A 255 -15.22 14.34 -17.57
C HIS A 255 -16.05 13.39 -18.44
N GLY A 256 -15.59 12.13 -18.52
CA GLY A 256 -16.34 11.10 -19.20
C GLY A 256 -17.36 10.46 -18.30
N PRO A 257 -18.15 9.53 -18.85
CA PRO A 257 -19.16 8.85 -18.08
C PRO A 257 -18.51 7.87 -17.10
N PRO A 258 -19.22 7.46 -16.07
CA PRO A 258 -18.64 6.49 -15.12
C PRO A 258 -18.28 5.20 -15.85
N GLU A 259 -17.08 4.67 -15.58
CA GLU A 259 -16.64 3.46 -16.26
C GLU A 259 -17.19 2.26 -15.51
N LYS A 260 -17.60 1.22 -16.24
CA LYS A 260 -18.13 0.03 -15.60
C LYS A 260 -17.02 -0.97 -15.32
N LYS A 261 -17.08 -1.58 -14.16
CA LYS A 261 -15.94 -2.37 -13.66
C LYS A 261 -16.42 -3.56 -12.85
N MET A 262 -15.46 -4.44 -12.53
CA MET A 262 -15.81 -5.67 -11.83
C MET A 262 -16.39 -5.44 -10.46
N GLY A 263 -15.74 -4.56 -9.70
CA GLY A 263 -16.04 -4.35 -8.31
C GLY A 263 -15.86 -2.89 -7.96
N ILE A 264 -15.93 -2.57 -6.67
CA ILE A 264 -15.99 -1.20 -6.14
C ILE A 264 -16.90 -0.38 -7.05
N LYS A 265 -18.07 -0.96 -7.36
CA LYS A 265 -18.91 -0.33 -8.37
C LYS A 265 -19.55 0.97 -7.90
N ALA A 266 -19.66 1.17 -6.58
CA ALA A 266 -20.20 2.41 -6.04
C ALA A 266 -19.24 3.56 -6.22
N SER A 267 -17.96 3.29 -6.39
CA SER A 267 -17.01 4.36 -6.61
CA SER A 267 -16.96 4.33 -6.61
C SER A 267 -17.08 4.84 -8.04
N ASN A 268 -16.95 6.15 -8.21
CA ASN A 268 -16.93 6.77 -9.53
C ASN A 268 -15.52 6.68 -10.11
N THR A 269 -15.41 6.23 -11.37
CA THR A 269 -14.13 6.16 -12.07
C THR A 269 -14.36 6.79 -13.42
N ALA A 270 -13.59 7.83 -13.77
CA ALA A 270 -13.91 8.54 -15.02
C ALA A 270 -12.65 9.14 -15.60
N GLU A 271 -12.68 9.34 -16.92
CA GLU A 271 -11.68 10.14 -17.59
C GLU A 271 -11.93 11.62 -17.25
N VAL A 272 -10.86 12.38 -17.12
CA VAL A 272 -10.94 13.82 -16.87
C VAL A 272 -10.17 14.53 -17.97
N PHE A 273 -10.81 15.52 -18.60
CA PHE A 273 -10.20 16.22 -19.72
C PHE A 273 -9.91 17.67 -19.36
N PHE A 274 -8.70 18.14 -19.73
CA PHE A 274 -8.26 19.51 -19.46
C PHE A 274 -8.00 20.19 -20.79
N ASP A 275 -8.78 21.21 -21.13
CA ASP A 275 -8.70 21.81 -22.46
C ASP A 275 -8.51 23.31 -22.25
N GLY A 276 -7.27 23.77 -22.40
CA GLY A 276 -6.96 25.19 -22.25
C GLY A 276 -7.26 25.74 -20.87
N VAL A 277 -6.94 24.99 -19.82
CA VAL A 277 -7.33 25.38 -18.48
C VAL A 277 -6.31 26.38 -17.92
N ARG A 278 -6.79 27.55 -17.53
CA ARG A 278 -5.94 28.57 -16.93
C ARG A 278 -5.79 28.29 -15.43
N VAL A 279 -4.59 27.91 -15.00
CA VAL A 279 -4.31 27.59 -13.60
C VAL A 279 -3.42 28.71 -13.02
N PRO A 280 -3.87 29.43 -11.97
CA PRO A 280 -3.02 30.48 -11.39
C PRO A 280 -1.70 29.90 -10.88
N SER A 281 -0.63 30.68 -11.07
CA SER A 281 0.70 30.27 -10.62
C SER A 281 0.74 29.97 -9.12
N GLU A 282 -0.11 30.61 -8.32
CA GLU A 282 -0.08 30.33 -6.89
C GLU A 282 -0.74 28.97 -6.59
N ASN A 283 -1.26 28.30 -7.60
CA ASN A 283 -1.83 26.96 -7.41
C ASN A 283 -0.83 25.84 -7.70
N VAL A 284 0.44 26.17 -7.98
CA VAL A 284 1.48 25.15 -7.95
C VAL A 284 1.56 24.58 -6.55
N LEU A 285 1.61 23.25 -6.48
CA LEU A 285 1.69 22.55 -5.21
C LEU A 285 3.13 22.08 -5.04
N GLY A 286 3.79 22.59 -4.01
CA GLY A 286 5.20 22.34 -3.84
C GLY A 286 6.01 23.19 -4.81
N GLU A 287 7.13 22.64 -5.28
CA GLU A 287 8.05 23.42 -6.13
C GLU A 287 7.86 23.05 -7.59
N VAL A 288 7.94 24.06 -8.46
CA VAL A 288 7.95 23.80 -9.90
C VAL A 288 9.04 22.78 -10.22
N GLY A 289 8.66 21.68 -10.93
CA GLY A 289 9.58 20.66 -11.34
C GLY A 289 9.80 19.56 -10.33
N SER A 290 9.15 19.64 -9.16
CA SER A 290 9.25 18.59 -8.16
C SER A 290 7.97 17.75 -8.06
N GLY A 291 7.12 17.81 -9.08
CA GLY A 291 5.85 17.11 -9.08
C GLY A 291 5.94 15.59 -8.95
N PHE A 292 6.98 14.98 -9.53
CA PHE A 292 7.12 13.52 -9.38
C PHE A 292 7.31 13.14 -7.91
N LYS A 293 8.17 13.87 -7.20
CA LYS A 293 8.38 13.65 -5.77
C LYS A 293 7.09 13.89 -4.99
N VAL A 294 6.35 14.93 -5.35
CA VAL A 294 5.06 15.18 -4.69
C VAL A 294 4.14 13.99 -4.87
N ALA A 295 4.01 13.50 -6.11
CA ALA A 295 3.12 12.36 -6.33
C ALA A 295 3.57 11.17 -5.50
N MET A 296 4.87 10.89 -5.52
CA MET A 296 5.34 9.70 -4.80
C MET A 296 5.16 9.84 -3.29
N HIS A 297 5.36 11.04 -2.76
CA HIS A 297 5.15 11.24 -1.33
C HIS A 297 3.69 11.10 -0.97
N ILE A 298 2.77 11.60 -1.80
CA ILE A 298 1.34 11.41 -1.52
C ILE A 298 1.00 9.92 -1.48
N LEU A 299 1.43 9.16 -2.51
CA LEU A 299 1.11 7.74 -2.55
C LEU A 299 1.73 7.02 -1.36
N ASN A 300 2.99 7.33 -1.04
CA ASN A 300 3.64 6.70 0.10
C ASN A 300 2.89 7.04 1.39
N ASN A 301 2.51 8.28 1.56
CA ASN A 301 1.86 8.72 2.79
C ASN A 301 0.52 8.04 2.97
N GLY A 302 -0.24 7.85 1.88
CA GLY A 302 -1.54 7.23 1.98
C GLY A 302 -1.54 5.71 2.10
N ARG A 303 -0.38 5.08 1.86
CA ARG A 303 -0.34 3.66 1.61
C ARG A 303 -0.80 2.83 2.82
N PHE A 304 -0.44 3.23 4.06
CA PHE A 304 -0.83 2.44 5.24
C PHE A 304 -2.34 2.29 5.36
N GLY A 305 -3.13 3.24 4.80
CA GLY A 305 -4.57 3.18 4.94
C GLY A 305 -5.15 2.00 4.21
N MET A 306 -4.52 1.59 3.12
CA MET A 306 -4.94 0.35 2.44
C MET A 306 -4.87 -0.85 3.33
N ALA A 307 -3.70 -1.09 3.96
CA ALA A 307 -3.58 -2.25 4.83
C ALA A 307 -4.55 -2.14 5.97
N ALA A 308 -4.76 -0.92 6.52
CA ALA A 308 -5.71 -0.80 7.63
C ALA A 308 -7.12 -1.17 7.19
N ALA A 309 -7.55 -0.66 6.02
CA ALA A 309 -8.91 -0.96 5.55
C ALA A 309 -9.04 -2.47 5.33
N LEU A 310 -8.04 -3.08 4.69
CA LEU A 310 -8.14 -4.48 4.29
C LEU A 310 -8.03 -5.41 5.50
N ALA A 311 -7.35 -4.98 6.58
CA ALA A 311 -7.40 -5.74 7.83
C ALA A 311 -8.83 -5.81 8.33
N GLY A 312 -9.57 -4.71 8.16
CA GLY A 312 -11.01 -4.72 8.51
C GLY A 312 -11.83 -5.61 7.59
N THR A 313 -11.56 -5.55 6.27
CA THR A 313 -12.22 -6.47 5.33
C THR A 313 -12.07 -7.91 5.78
N MET A 314 -10.82 -8.30 6.07
CA MET A 314 -10.53 -9.67 6.51
C MET A 314 -11.21 -10.02 7.82
N ARG A 315 -11.29 -9.08 8.76
CA ARG A 315 -11.97 -9.37 10.03
C ARG A 315 -13.42 -9.75 9.78
N GLY A 316 -14.12 -8.98 8.92
CA GLY A 316 -15.53 -9.29 8.66
C GLY A 316 -15.69 -10.60 7.88
N ILE A 317 -14.78 -10.86 6.94
CA ILE A 317 -14.84 -12.08 6.14
C ILE A 317 -14.58 -13.32 7.00
N ILE A 318 -13.66 -13.20 7.95
CA ILE A 318 -13.35 -14.32 8.84
C ILE A 318 -14.54 -14.64 9.72
N ALA A 319 -15.27 -13.61 10.20
CA ALA A 319 -16.48 -13.87 10.96
C ALA A 319 -17.47 -14.67 10.14
N LYS A 320 -17.62 -14.31 8.83
CA LYS A 320 -18.58 -15.04 7.99
C LYS A 320 -18.13 -16.49 7.79
N ALA A 321 -16.82 -16.73 7.55
CA ALA A 321 -16.31 -18.08 7.35
C ALA A 321 -16.47 -18.91 8.61
N VAL A 322 -16.13 -18.33 9.77
CA VAL A 322 -16.28 -19.04 11.05
C VAL A 322 -17.74 -19.37 11.31
N ASP A 323 -18.65 -18.42 11.07
CA ASP A 323 -20.05 -18.73 11.25
C ASP A 323 -20.47 -19.91 10.38
N HIS A 324 -20.05 -19.91 9.12
CA HIS A 324 -20.44 -21.02 8.26
C HIS A 324 -19.89 -22.34 8.77
N ALA A 325 -18.61 -22.38 9.11
CA ALA A 325 -17.98 -23.63 9.58
C ALA A 325 -18.51 -24.09 10.92
N THR A 326 -19.01 -23.15 11.74
CA THR A 326 -19.57 -23.50 13.06
C THR A 326 -20.88 -24.23 12.89
N ASN A 327 -21.67 -23.83 11.89
CA ASN A 327 -23.06 -24.27 11.82
C ASN A 327 -23.38 -25.25 10.70
N ARG A 328 -22.47 -25.51 9.77
CA ARG A 328 -22.74 -26.45 8.69
C ARG A 328 -22.33 -27.86 9.12
N THR A 329 -23.30 -28.77 9.14
CA THR A 329 -23.04 -30.21 9.30
C THR A 329 -22.80 -30.83 7.93
N GLN A 330 -21.76 -31.66 7.81
CA GLN A 330 -21.57 -32.49 6.64
C GLN A 330 -20.77 -33.72 7.09
N PHE A 331 -21.08 -34.92 6.53
CA PHE A 331 -20.45 -36.15 6.98
C PHE A 331 -20.58 -36.32 8.49
N GLY A 332 -21.72 -35.89 9.04
CA GLY A 332 -22.08 -36.21 10.42
C GLY A 332 -21.45 -35.33 11.50
N GLU A 333 -20.72 -34.27 11.13
CA GLU A 333 -20.11 -33.37 12.08
C GLU A 333 -20.19 -31.96 11.56
N LYS A 334 -20.14 -30.99 12.48
CA LYS A 334 -19.94 -29.62 12.02
C LYS A 334 -18.55 -29.49 11.37
N ILE A 335 -18.44 -28.73 10.27
CA ILE A 335 -17.27 -28.86 9.41
C ILE A 335 -16.01 -28.26 10.05
N HIS A 336 -16.16 -27.43 11.09
CA HIS A 336 -14.99 -26.94 11.81
C HIS A 336 -14.23 -28.07 12.50
N ASN A 337 -14.83 -29.27 12.60
CA ASN A 337 -14.13 -30.44 13.13
C ASN A 337 -13.20 -31.12 12.14
N PHE A 338 -13.14 -30.68 10.89
CA PHE A 338 -12.31 -31.31 9.87
C PHE A 338 -11.03 -30.51 9.63
N GLY A 339 -9.88 -31.21 9.58
CA GLY A 339 -8.61 -30.53 9.46
C GLY A 339 -8.50 -29.62 8.26
N LEU A 340 -9.08 -29.98 7.10
CA LEU A 340 -8.92 -29.06 5.97
C LEU A 340 -9.49 -27.69 6.31
N ILE A 341 -10.64 -27.66 6.98
CA ILE A 341 -11.27 -26.38 7.35
C ILE A 341 -10.49 -25.69 8.43
N GLN A 342 -9.98 -26.47 9.42
CA GLN A 342 -9.19 -25.87 10.50
C GLN A 342 -7.96 -25.14 9.94
N GLU A 343 -7.26 -25.77 8.98
CA GLU A 343 -6.06 -25.12 8.45
C GLU A 343 -6.43 -23.88 7.64
N LYS A 344 -7.51 -23.96 6.86
CA LYS A 344 -7.93 -22.74 6.13
C LYS A 344 -8.22 -21.59 7.08
N LEU A 345 -8.99 -21.84 8.14
CA LEU A 345 -9.32 -20.79 9.12
C LEU A 345 -8.07 -20.24 9.81
N ALA A 346 -7.16 -21.14 10.23
CA ALA A 346 -5.94 -20.69 10.90
C ALA A 346 -5.10 -19.82 9.97
N ARG A 347 -4.98 -20.22 8.70
CA ARG A 347 -4.21 -19.40 7.77
C ARG A 347 -4.86 -18.04 7.56
N MET A 348 -6.19 -18.00 7.55
CA MET A 348 -6.88 -16.73 7.26
C MET A 348 -6.59 -15.75 8.39
N VAL A 349 -6.69 -16.22 9.65
CA VAL A 349 -6.45 -15.30 10.76
C VAL A 349 -4.99 -14.89 10.85
N MET A 350 -4.05 -15.79 10.55
CA MET A 350 -2.66 -15.31 10.53
C MET A 350 -2.45 -14.22 9.50
N LEU A 351 -3.08 -14.34 8.29
CA LEU A 351 -2.94 -13.27 7.30
C LEU A 351 -3.56 -11.96 7.80
N GLN A 352 -4.72 -12.02 8.46
CA GLN A 352 -5.36 -10.81 8.99
C GLN A 352 -4.52 -10.17 10.06
N TYR A 353 -3.92 -11.02 10.93
CA TYR A 353 -3.14 -10.49 12.05
C TYR A 353 -1.87 -9.82 11.53
N VAL A 354 -1.16 -10.48 10.60
CA VAL A 354 0.05 -9.85 10.01
C VAL A 354 -0.33 -8.51 9.40
N THR A 355 -1.41 -8.50 8.56
CA THR A 355 -1.76 -7.27 7.83
C THR A 355 -2.09 -6.14 8.81
N GLU A 356 -2.94 -6.43 9.79
CA GLU A 356 -3.35 -5.43 10.78
C GLU A 356 -2.11 -4.93 11.54
N SER A 357 -1.22 -5.86 11.92
CA SER A 357 -0.03 -5.47 12.67
C SER A 357 0.88 -4.56 11.85
N MET A 358 1.04 -4.85 10.56
CA MET A 358 1.84 -3.99 9.67
C MET A 358 1.18 -2.61 9.58
N ALA A 359 -0.14 -2.55 9.39
CA ALA A 359 -0.82 -1.27 9.15
C ALA A 359 -0.62 -0.33 10.33
N TYR A 360 -0.84 -0.83 11.55
CA TYR A 360 -0.66 0.01 12.72
C TYR A 360 0.80 0.28 13.06
N MET A 361 1.71 -0.61 12.67
CA MET A 361 3.13 -0.27 12.86
C MET A 361 3.54 0.90 11.97
N VAL A 362 3.18 0.85 10.68
CA VAL A 362 3.54 1.97 9.80
C VAL A 362 2.86 3.25 10.23
N SER A 363 1.56 3.19 10.57
CA SER A 363 0.90 4.42 11.00
C SER A 363 1.56 5.00 12.25
N ALA A 364 1.96 4.14 13.19
CA ALA A 364 2.63 4.61 14.39
C ALA A 364 3.97 5.24 14.04
N ASN A 365 4.72 4.60 13.13
CA ASN A 365 6.02 5.16 12.74
C ASN A 365 5.82 6.57 12.15
N MET A 366 4.79 6.73 11.33
CA MET A 366 4.52 8.04 10.74
C MET A 366 4.18 9.04 11.84
N ASP A 367 3.35 8.64 12.82
CA ASP A 367 2.89 9.54 13.88
C ASP A 367 4.06 9.90 14.78
N GLN A 368 5.07 9.05 14.88
CA GLN A 368 6.25 9.30 15.69
C GLN A 368 7.35 10.01 14.95
N GLY A 369 7.09 10.53 13.76
CA GLY A 369 8.06 11.33 13.04
C GLY A 369 9.05 10.57 12.19
N ALA A 370 8.82 9.29 11.91
CA ALA A 370 9.72 8.56 11.00
C ALA A 370 9.78 9.24 9.64
N THR A 371 10.98 9.31 9.09
CA THR A 371 11.14 9.82 7.74
C THR A 371 11.41 8.73 6.72
N ASP A 372 11.77 7.52 7.16
CA ASP A 372 12.11 6.41 6.26
C ASP A 372 11.21 5.23 6.62
N PHE A 373 10.12 5.16 5.91
CA PHE A 373 9.14 4.07 6.09
C PHE A 373 8.58 3.59 4.75
N GLN A 374 9.16 4.02 3.64
CA GLN A 374 8.57 3.74 2.34
C GLN A 374 8.66 2.26 1.94
N ILE A 375 9.74 1.56 2.31
CA ILE A 375 9.77 0.14 2.01
C ILE A 375 8.72 -0.61 2.81
N GLU A 376 8.61 -0.28 4.11
CA GLU A 376 7.62 -0.92 4.99
C GLU A 376 6.20 -0.63 4.51
N ALA A 377 5.92 0.61 4.10
CA ALA A 377 4.59 0.92 3.58
C ALA A 377 4.27 0.11 2.31
N ALA A 378 5.23 -0.01 1.39
CA ALA A 378 5.01 -0.79 0.19
C ALA A 378 4.79 -2.25 0.55
N ILE A 379 5.59 -2.79 1.46
CA ILE A 379 5.36 -4.17 1.92
C ILE A 379 3.93 -4.34 2.45
N SER A 380 3.47 -3.40 3.27
CA SER A 380 2.13 -3.51 3.84
C SER A 380 1.06 -3.53 2.77
N LYS A 381 1.25 -2.74 1.70
CA LYS A 381 0.26 -2.66 0.62
C LYS A 381 0.23 -3.97 -0.18
N ILE A 382 1.40 -4.50 -0.53
CA ILE A 382 1.47 -5.76 -1.27
C ILE A 382 0.88 -6.85 -0.41
N PHE A 383 1.35 -6.94 0.85
CA PHE A 383 0.92 -8.02 1.73
C PHE A 383 -0.58 -7.96 1.99
N GLY A 384 -1.08 -6.79 2.38
CA GLY A 384 -2.48 -6.70 2.77
C GLY A 384 -3.42 -6.94 1.60
N SER A 385 -3.10 -6.40 0.40
CA SER A 385 -3.98 -6.63 -0.75
C SER A 385 -4.02 -8.11 -1.16
N GLU A 386 -2.85 -8.77 -1.18
CA GLU A 386 -2.82 -10.20 -1.52
C GLU A 386 -3.45 -11.02 -0.41
N ALA A 387 -3.23 -10.64 0.85
CA ALA A 387 -3.84 -11.39 1.97
C ALA A 387 -5.37 -11.31 1.90
N ALA A 388 -5.92 -10.13 1.66
CA ALA A 388 -7.38 -10.00 1.69
C ALA A 388 -8.00 -10.80 0.55
N TRP A 389 -7.36 -10.77 -0.61
CA TRP A 389 -7.78 -11.58 -1.75
C TRP A 389 -7.81 -13.05 -1.38
N LYS A 390 -6.70 -13.56 -0.83
CA LYS A 390 -6.65 -14.97 -0.46
C LYS A 390 -7.64 -15.35 0.62
N VAL A 391 -7.84 -14.47 1.62
CA VAL A 391 -8.76 -14.79 2.70
C VAL A 391 -10.19 -14.86 2.17
N THR A 392 -10.57 -13.94 1.29
CA THR A 392 -11.92 -13.92 0.79
C THR A 392 -12.15 -15.07 -0.18
N ASP A 393 -11.14 -15.40 -1.00
CA ASP A 393 -11.25 -16.56 -1.87
C ASP A 393 -11.46 -17.83 -1.03
N GLU A 394 -10.74 -17.97 0.10
CA GLU A 394 -10.93 -19.18 0.90
C GLU A 394 -12.24 -19.16 1.66
N CYS A 395 -12.77 -17.98 2.02
CA CYS A 395 -14.11 -17.93 2.60
C CYS A 395 -15.13 -18.51 1.64
N ILE A 396 -15.05 -18.12 0.35
CA ILE A 396 -15.95 -18.71 -0.64
C ILE A 396 -15.82 -20.23 -0.65
N GLN A 397 -14.59 -20.74 -0.58
CA GLN A 397 -14.39 -22.18 -0.63
C GLN A 397 -15.01 -22.87 0.57
N ILE A 398 -14.84 -22.29 1.78
CA ILE A 398 -15.46 -22.86 2.99
C ILE A 398 -16.97 -22.88 2.88
N MET A 399 -17.55 -21.84 2.28
CA MET A 399 -18.99 -21.74 2.13
C MET A 399 -19.54 -22.70 1.09
N GLY A 400 -18.69 -23.30 0.23
CA GLY A 400 -19.23 -24.18 -0.81
C GLY A 400 -20.03 -23.40 -1.85
N GLY A 401 -21.07 -24.07 -2.38
CA GLY A 401 -21.86 -23.43 -3.43
C GLY A 401 -22.42 -22.09 -2.99
N MET A 402 -22.82 -21.99 -1.72
CA MET A 402 -23.36 -20.74 -1.19
C MET A 402 -22.41 -19.57 -1.41
N GLY A 403 -21.11 -19.81 -1.34
CA GLY A 403 -20.17 -18.72 -1.48
C GLY A 403 -20.16 -18.09 -2.85
N PHE A 404 -20.62 -18.82 -3.89
CA PHE A 404 -20.70 -18.27 -5.23
C PHE A 404 -21.98 -17.49 -5.49
N MET A 405 -22.96 -17.59 -4.61
CA MET A 405 -24.23 -16.89 -4.77
C MET A 405 -24.13 -15.42 -4.42
N LYS A 406 -25.05 -14.66 -5.00
CA LYS A 406 -25.03 -13.21 -4.74
C LYS A 406 -25.48 -12.88 -3.31
N GLU A 407 -26.55 -13.52 -2.82
CA GLU A 407 -27.13 -13.07 -1.56
C GLU A 407 -26.17 -13.01 -0.37
N PRO A 408 -25.25 -13.94 -0.16
CA PRO A 408 -24.37 -13.84 1.00
C PRO A 408 -23.44 -12.63 0.98
N GLY A 409 -23.17 -12.03 -0.18
CA GLY A 409 -22.34 -10.84 -0.23
C GLY A 409 -20.86 -11.06 -0.28
N VAL A 410 -20.38 -12.32 -0.14
CA VAL A 410 -18.93 -12.57 -0.16
C VAL A 410 -18.36 -12.37 -1.55
N GLU A 411 -19.09 -12.81 -2.59
CA GLU A 411 -18.60 -12.64 -3.92
C GLU A 411 -18.43 -11.15 -4.27
N ARG A 412 -19.33 -10.29 -3.73
CA ARG A 412 -19.17 -8.86 -3.97
C ARG A 412 -17.84 -8.36 -3.38
N VAL A 413 -17.51 -8.80 -2.15
CA VAL A 413 -16.23 -8.41 -1.54
C VAL A 413 -15.06 -8.89 -2.39
N LEU A 414 -15.12 -10.12 -2.89
CA LEU A 414 -14.03 -10.61 -3.74
C LEU A 414 -13.89 -9.74 -4.98
N ARG A 415 -15.02 -9.36 -5.61
CA ARG A 415 -14.94 -8.48 -6.78
C ARG A 415 -14.31 -7.15 -6.43
N ASP A 416 -14.70 -6.58 -5.28
CA ASP A 416 -14.11 -5.31 -4.84
C ASP A 416 -12.60 -5.41 -4.64
N LEU A 417 -12.14 -6.55 -4.11
CA LEU A 417 -10.74 -6.63 -3.71
C LEU A 417 -9.79 -6.74 -4.88
N ARG A 418 -10.24 -7.17 -6.05
CA ARG A 418 -9.24 -7.46 -7.09
C ARG A 418 -8.39 -6.22 -7.47
N ILE A 419 -9.01 -5.02 -7.45
CA ILE A 419 -8.29 -3.81 -7.87
C ILE A 419 -7.19 -3.44 -6.88
N PHE A 420 -7.24 -3.88 -5.61
CA PHE A 420 -6.26 -3.39 -4.65
C PHE A 420 -4.85 -3.91 -4.88
N ARG A 421 -4.68 -4.94 -5.73
CA ARG A 421 -3.38 -5.42 -6.15
C ARG A 421 -2.84 -4.59 -7.31
N ILE A 422 -3.62 -3.61 -7.84
CA ILE A 422 -3.27 -2.92 -9.07
C ILE A 422 -3.12 -1.44 -8.83
N PHE A 423 -4.12 -0.81 -8.22
CA PHE A 423 -3.96 0.63 -8.09
C PHE A 423 -3.14 1.00 -6.83
N GLU A 424 -2.84 2.30 -6.75
CA GLU A 424 -1.88 2.86 -5.81
C GLU A 424 -0.54 2.14 -5.93
N GLY A 425 -0.20 1.73 -7.17
CA GLY A 425 1.06 1.05 -7.43
C GLY A 425 0.81 -0.43 -7.68
N THR A 426 1.05 -0.98 -8.88
CA THR A 426 0.79 -2.42 -9.02
C THR A 426 1.69 -3.18 -8.09
N ASN A 427 1.21 -4.34 -7.60
CA ASN A 427 2.06 -5.07 -6.68
C ASN A 427 3.37 -5.51 -7.31
N ASP A 428 3.39 -5.72 -8.65
CA ASP A 428 4.63 -6.12 -9.31
C ASP A 428 5.64 -5.00 -9.28
N ILE A 429 5.22 -3.78 -9.61
CA ILE A 429 6.13 -2.63 -9.54
C ILE A 429 6.53 -2.33 -8.11
N LEU A 430 5.61 -2.53 -7.15
CA LEU A 430 6.00 -2.32 -5.77
C LEU A 430 7.02 -3.33 -5.31
N ARG A 431 6.96 -4.59 -5.81
CA ARG A 431 8.02 -5.54 -5.46
C ARG A 431 9.35 -5.06 -5.99
N LEU A 432 9.40 -4.62 -7.25
CA LEU A 432 10.67 -4.09 -7.78
C LEU A 432 11.16 -2.90 -6.98
N PHE A 433 10.25 -2.03 -6.55
CA PHE A 433 10.60 -0.90 -5.69
C PHE A 433 11.21 -1.39 -4.37
N VAL A 434 10.54 -2.35 -3.71
CA VAL A 434 11.04 -2.86 -2.41
C VAL A 434 12.45 -3.38 -2.59
N ALA A 435 12.66 -4.25 -3.59
CA ALA A 435 13.97 -4.88 -3.78
C ALA A 435 15.04 -3.83 -4.11
N LEU A 436 14.77 -2.95 -5.07
CA LEU A 436 15.82 -2.01 -5.46
C LEU A 436 16.07 -0.95 -4.39
N GLN A 437 15.00 -0.46 -3.73
CA GLN A 437 15.21 0.51 -2.66
C GLN A 437 16.00 -0.10 -1.52
N GLY A 438 15.71 -1.36 -1.17
CA GLY A 438 16.52 -2.01 -0.13
C GLY A 438 17.95 -2.22 -0.54
N CYS A 439 18.20 -2.54 -1.82
CA CYS A 439 19.56 -2.75 -2.27
C CYS A 439 20.34 -1.45 -2.29
N MET A 440 19.69 -0.29 -2.38
CA MET A 440 20.39 0.92 -2.77
C MET A 440 21.54 1.27 -1.79
N ASP A 441 21.26 1.30 -0.47
CA ASP A 441 22.33 1.68 0.47
C ASP A 441 23.43 0.63 0.55
N LYS A 442 23.03 -0.65 0.46
CA LYS A 442 24.07 -1.70 0.45
C LYS A 442 24.96 -1.56 -0.76
N GLY A 443 24.39 -1.29 -1.94
CA GLY A 443 25.19 -1.08 -3.12
C GLY A 443 26.11 0.11 -3.00
N LYS A 444 25.65 1.18 -2.36
CA LYS A 444 26.49 2.34 -2.08
C LYS A 444 27.71 1.96 -1.25
N GLU A 445 27.46 1.18 -0.20
CA GLU A 445 28.55 0.75 0.67
C GLU A 445 29.54 -0.08 -0.12
N LEU A 446 29.06 -1.07 -0.87
CA LEU A 446 29.96 -1.94 -1.62
C LEU A 446 30.79 -1.17 -2.62
N SER A 447 30.19 -0.22 -3.33
CA SER A 447 30.98 0.46 -4.35
C SER A 447 31.97 1.43 -3.73
N GLY A 448 31.73 1.88 -2.49
CA GLY A 448 32.73 2.64 -1.76
C GLY A 448 34.01 1.85 -1.54
N LEU A 449 33.92 0.52 -1.43
CA LEU A 449 35.11 -0.31 -1.29
C LEU A 449 36.02 -0.14 -2.50
N GLY A 450 37.33 -0.09 -2.23
CA GLY A 450 38.22 0.38 -3.27
C GLY A 450 37.93 1.84 -3.58
N SER A 451 38.10 2.19 -4.85
CA SER A 451 37.68 3.46 -5.47
C SER A 451 38.47 4.67 -4.96
N ALA A 452 39.20 4.53 -3.86
CA ALA A 452 40.20 5.53 -3.50
C ALA A 452 41.42 5.27 -4.37
N LEU A 453 42.06 6.35 -4.84
CA LEU A 453 43.31 6.17 -5.55
C LEU A 453 44.33 5.54 -4.62
N LYS A 454 45.23 4.76 -5.20
CA LYS A 454 46.34 4.18 -4.46
C LYS A 454 47.51 5.14 -4.53
N ASN A 455 48.15 5.37 -3.39
CA ASN A 455 49.33 6.24 -3.32
C ASN A 455 50.53 5.33 -3.10
N PRO A 456 51.35 5.08 -4.12
CA PRO A 456 52.49 4.16 -3.96
C PRO A 456 53.72 4.78 -3.33
N PHE A 457 53.65 6.05 -2.93
CA PHE A 457 54.86 6.78 -2.55
C PHE A 457 55.07 6.87 -1.04
N GLY A 458 54.52 5.93 -0.29
CA GLY A 458 54.92 5.76 1.11
C GLY A 458 53.87 6.06 2.16
N ASN A 459 52.62 5.73 1.86
CA ASN A 459 51.49 5.91 2.78
C ASN A 459 51.70 5.06 4.03
N ALA A 460 51.90 5.72 5.18
CA ALA A 460 52.09 5.00 6.44
C ALA A 460 50.74 4.54 7.01
N GLY A 461 49.86 5.50 7.29
CA GLY A 461 48.50 5.22 7.72
C GLY A 461 48.32 4.14 8.77
N GLY A 478 30.51 -15.39 14.15
CA GLY A 478 29.16 -15.17 13.68
C GLY A 478 28.83 -13.69 13.50
N SER A 479 27.57 -13.40 13.18
CA SER A 479 27.15 -12.01 13.01
C SER A 479 27.12 -11.25 14.34
N GLY A 480 26.82 -11.95 15.44
CA GLY A 480 26.53 -11.31 16.70
C GLY A 480 25.12 -10.79 16.83
N LEU A 481 24.29 -10.96 15.80
CA LEU A 481 22.94 -10.43 15.83
C LEU A 481 22.04 -11.27 16.72
N SER A 482 21.19 -10.58 17.49
CA SER A 482 20.28 -11.24 18.40
C SER A 482 19.09 -10.32 18.70
N LEU A 483 17.92 -10.93 18.81
CA LEU A 483 16.74 -10.23 19.32
C LEU A 483 16.54 -10.44 20.82
N SER A 484 17.53 -10.99 21.52
CA SER A 484 17.37 -11.23 22.95
C SER A 484 17.18 -9.89 23.66
N GLY A 485 16.27 -9.84 24.60
CA GLY A 485 16.00 -8.58 25.27
C GLY A 485 15.01 -7.67 24.55
N LEU A 486 14.71 -7.95 23.28
CA LEU A 486 13.65 -7.26 22.56
C LEU A 486 12.43 -8.14 22.38
N VAL A 487 12.61 -9.35 21.92
CA VAL A 487 11.50 -10.29 21.89
C VAL A 487 11.26 -10.78 23.31
N HIS A 488 10.03 -11.14 23.58
CA HIS A 488 9.69 -11.72 24.85
C HIS A 488 10.36 -13.10 24.97
N PRO A 489 10.80 -13.51 26.17
CA PRO A 489 11.47 -14.83 26.31
C PRO A 489 10.67 -15.99 25.76
N GLU A 490 9.34 -15.96 25.86
CA GLU A 490 8.56 -17.07 25.35
C GLU A 490 8.61 -17.15 23.83
N LEU A 491 9.03 -16.09 23.15
CA LEU A 491 9.14 -16.09 21.69
C LEU A 491 10.62 -16.15 21.25
N SER A 492 11.52 -16.58 22.13
CA SER A 492 12.95 -16.54 21.78
C SER A 492 13.28 -17.40 20.56
N ARG A 493 12.64 -18.56 20.43
CA ARG A 493 12.97 -19.45 19.32
C ARG A 493 12.57 -18.82 17.98
N SER A 494 11.36 -18.26 17.91
CA SER A 494 10.95 -17.59 16.68
C SER A 494 11.77 -16.33 16.44
N GLY A 495 12.25 -15.66 17.50
CA GLY A 495 13.14 -14.54 17.30
C GLY A 495 14.43 -15.00 16.64
N GLU A 496 14.94 -16.17 17.08
CA GLU A 496 16.14 -16.68 16.45
C GLU A 496 15.90 -17.09 15.00
N LEU A 497 14.69 -17.62 14.70
CA LEU A 497 14.37 -17.91 13.29
C LEU A 497 14.45 -16.64 12.44
N ALA A 498 13.92 -15.52 12.97
CA ALA A 498 13.97 -14.26 12.23
C ALA A 498 15.40 -13.78 12.00
N VAL A 499 16.27 -13.88 13.03
CA VAL A 499 17.64 -13.42 12.86
C VAL A 499 18.38 -14.30 11.85
N ARG A 500 18.19 -15.63 11.91
CA ARG A 500 18.84 -16.51 10.92
C ARG A 500 18.34 -16.18 9.51
N ALA A 501 17.03 -15.93 9.36
CA ALA A 501 16.48 -15.65 8.04
C ALA A 501 17.02 -14.31 7.53
N LEU A 502 17.19 -13.33 8.42
CA LEU A 502 17.79 -12.05 8.04
C LEU A 502 19.22 -12.24 7.54
N GLU A 503 20.00 -13.08 8.23
CA GLU A 503 21.37 -13.31 7.79
C GLU A 503 21.41 -14.00 6.43
N GLN A 504 20.54 -15.00 6.22
CA GLN A 504 20.47 -15.68 4.92
C GLN A 504 20.13 -14.68 3.81
N PHE A 505 19.14 -13.83 4.08
CA PHE A 505 18.70 -12.82 3.10
C PHE A 505 19.82 -11.85 2.76
N ALA A 506 20.47 -11.29 3.78
CA ALA A 506 21.49 -10.27 3.55
C ALA A 506 22.69 -10.86 2.81
N THR A 507 23.01 -12.14 3.07
CA THR A 507 24.11 -12.79 2.36
C THR A 507 23.85 -12.85 0.85
N VAL A 508 22.61 -13.18 0.47
CA VAL A 508 22.26 -13.21 -0.95
C VAL A 508 22.25 -11.81 -1.54
N VAL A 509 21.67 -10.83 -0.83
CA VAL A 509 21.68 -9.46 -1.35
C VAL A 509 23.10 -9.01 -1.68
N GLU A 510 24.04 -9.24 -0.75
CA GLU A 510 25.42 -8.84 -0.99
C GLU A 510 26.01 -9.55 -2.20
N ALA A 511 25.84 -10.88 -2.27
CA ALA A 511 26.42 -11.63 -3.38
C ALA A 511 25.86 -11.14 -4.70
N LYS A 512 24.55 -10.85 -4.76
CA LYS A 512 23.93 -10.48 -6.02
C LYS A 512 24.31 -9.07 -6.42
N LEU A 513 24.52 -8.16 -5.45
CA LEU A 513 24.99 -6.82 -5.80
C LEU A 513 26.44 -6.87 -6.30
N ILE A 514 27.26 -7.74 -5.71
CA ILE A 514 28.64 -7.87 -6.22
C ILE A 514 28.63 -8.41 -7.63
N LYS A 515 27.74 -9.37 -7.91
CA LYS A 515 27.70 -10.04 -9.22
C LYS A 515 27.16 -9.11 -10.29
N HIS A 516 26.06 -8.43 -10.01
CA HIS A 516 25.33 -7.68 -11.03
C HIS A 516 25.61 -6.18 -11.01
N LYS A 517 26.07 -5.63 -9.88
CA LYS A 517 26.34 -4.20 -9.74
C LYS A 517 25.12 -3.38 -10.19
N LYS A 518 25.31 -2.31 -10.97
CA LYS A 518 24.16 -1.50 -11.33
C LYS A 518 23.22 -2.21 -12.28
N GLY A 519 23.69 -3.28 -12.95
CA GLY A 519 22.86 -4.10 -13.79
C GLY A 519 21.80 -4.88 -13.02
N ILE A 520 21.86 -4.90 -11.69
CA ILE A 520 20.80 -5.61 -10.94
C ILE A 520 19.41 -5.08 -11.28
N VAL A 521 19.30 -3.82 -11.75
CA VAL A 521 17.99 -3.26 -12.04
CA VAL A 521 17.98 -3.27 -12.05
C VAL A 521 17.26 -4.05 -13.11
N ASN A 522 18.00 -4.74 -13.96
CA ASN A 522 17.41 -5.51 -15.04
C ASN A 522 17.14 -6.96 -14.68
N GLU A 523 17.51 -7.41 -13.46
CA GLU A 523 17.37 -8.82 -13.07
C GLU A 523 16.05 -9.02 -12.35
N GLN A 524 14.95 -8.97 -13.14
CA GLN A 524 13.64 -8.90 -12.52
C GLN A 524 13.22 -10.21 -11.87
N PHE A 525 13.58 -11.37 -12.44
CA PHE A 525 13.18 -12.62 -11.77
C PHE A 525 13.78 -12.65 -10.36
N LEU A 526 15.07 -12.25 -10.26
CA LEU A 526 15.75 -12.14 -8.98
C LEU A 526 15.11 -11.09 -8.09
N LEU A 527 14.83 -9.89 -8.62
CA LEU A 527 14.29 -8.84 -7.75
C LEU A 527 12.95 -9.25 -7.16
N GLN A 528 12.08 -9.92 -7.95
CA GLN A 528 10.80 -10.33 -7.38
C GLN A 528 11.00 -11.31 -6.23
N ARG A 529 11.95 -12.23 -6.38
CA ARG A 529 12.22 -13.20 -5.31
C ARG A 529 12.85 -12.54 -4.07
N LEU A 530 13.72 -11.54 -4.27
CA LEU A 530 14.23 -10.80 -3.11
C LEU A 530 13.12 -10.01 -2.42
N ALA A 531 12.19 -9.41 -3.19
CA ALA A 531 11.08 -8.71 -2.56
C ALA A 531 10.24 -9.65 -1.71
N ASP A 532 10.02 -10.89 -2.19
CA ASP A 532 9.23 -11.82 -1.39
C ASP A 532 9.93 -12.16 -0.08
N GLY A 533 11.27 -12.33 -0.13
CA GLY A 533 12.01 -12.54 1.11
C GLY A 533 11.89 -11.37 2.06
N ALA A 534 11.97 -10.14 1.52
CA ALA A 534 11.81 -8.95 2.36
C ALA A 534 10.43 -8.86 2.99
N ILE A 535 9.38 -9.19 2.23
CA ILE A 535 8.01 -9.17 2.75
C ILE A 535 7.87 -10.12 3.93
N ASP A 536 8.38 -11.36 3.77
CA ASP A 536 8.26 -12.35 4.84
C ASP A 536 9.10 -11.94 6.05
N LEU A 537 10.28 -11.32 5.84
CA LEU A 537 11.09 -10.93 6.99
CA LEU A 537 11.12 -10.90 6.97
C LEU A 537 10.42 -9.83 7.79
N TYR A 538 9.87 -8.81 7.12
CA TYR A 538 9.14 -7.77 7.84
C TYR A 538 7.91 -8.36 8.54
N ALA A 539 7.21 -9.27 7.88
CA ALA A 539 6.06 -9.90 8.52
C ALA A 539 6.46 -10.60 9.81
N MET A 540 7.59 -11.32 9.79
CA MET A 540 8.05 -12.04 11.00
C MET A 540 8.31 -11.07 12.14
N VAL A 541 9.04 -9.97 11.87
CA VAL A 541 9.39 -9.08 12.98
C VAL A 541 8.18 -8.30 13.50
N VAL A 542 7.23 -7.96 12.61
CA VAL A 542 6.04 -7.25 13.05
C VAL A 542 5.22 -8.09 14.02
N VAL A 543 5.02 -9.38 13.71
CA VAL A 543 4.26 -10.23 14.64
C VAL A 543 5.06 -10.58 15.87
N LEU A 544 6.40 -10.77 15.76
CA LEU A 544 7.23 -10.98 16.95
C LEU A 544 7.09 -9.78 17.88
N SER A 545 7.12 -8.55 17.31
CA SER A 545 6.98 -7.36 18.13
C SER A 545 5.59 -7.27 18.78
N ARG A 546 4.52 -7.47 18.01
CA ARG A 546 3.20 -7.32 18.58
C ARG A 546 2.91 -8.39 19.63
N ALA A 547 3.22 -9.63 19.31
CA ALA A 547 2.96 -10.70 20.28
C ALA A 547 3.85 -10.54 21.50
N SER A 548 5.08 -10.04 21.33
CA SER A 548 5.92 -9.83 22.51
C SER A 548 5.33 -8.79 23.45
N ARG A 549 4.81 -7.68 22.91
CA ARG A 549 4.19 -6.69 23.78
C ARG A 549 2.98 -7.29 24.48
N SER A 550 2.17 -8.07 23.75
CA SER A 550 1.03 -8.70 24.38
C SER A 550 1.45 -9.61 25.56
N LEU A 551 2.49 -10.42 25.37
CA LEU A 551 3.01 -11.26 26.46
C LEU A 551 3.53 -10.40 27.61
N SER A 552 4.31 -9.36 27.30
CA SER A 552 4.90 -8.55 28.37
C SER A 552 3.84 -7.84 29.19
N GLU A 553 2.80 -7.34 28.54
CA GLU A 553 1.72 -6.61 29.18
C GLU A 553 0.64 -7.54 29.74
N GLY A 554 0.78 -8.86 29.55
CA GLY A 554 -0.21 -9.77 30.09
C GLY A 554 -1.60 -9.66 29.46
N HIS A 555 -1.70 -9.33 28.18
CA HIS A 555 -3.03 -9.23 27.60
C HIS A 555 -3.72 -10.58 27.60
N PRO A 556 -5.04 -10.61 27.71
CA PRO A 556 -5.75 -11.91 27.72
C PRO A 556 -5.49 -12.77 26.50
N THR A 557 -5.26 -12.16 25.33
CA THR A 557 -5.05 -12.95 24.13
C THR A 557 -3.58 -13.29 23.88
N ALA A 558 -2.68 -13.05 24.86
CA ALA A 558 -1.25 -13.16 24.58
C ALA A 558 -0.85 -14.58 24.18
N GLN A 559 -1.37 -15.62 24.86
CA GLN A 559 -0.95 -16.97 24.46
C GLN A 559 -1.42 -17.33 23.06
N HIS A 560 -2.63 -16.87 22.69
CA HIS A 560 -3.11 -17.05 21.31
C HIS A 560 -2.22 -16.32 20.33
N GLU A 561 -1.85 -15.08 20.64
CA GLU A 561 -0.96 -14.30 19.76
C GLU A 561 0.43 -14.96 19.64
N LYS A 562 0.91 -15.54 20.73
CA LYS A 562 2.18 -16.23 20.66
C LYS A 562 2.09 -17.37 19.67
N MET A 563 0.95 -18.11 19.71
CA MET A 563 0.69 -19.17 18.74
C MET A 563 0.62 -18.68 17.29
N LEU A 564 -0.09 -17.57 17.05
CA LEU A 564 -0.13 -17.00 15.71
C LEU A 564 1.28 -16.68 15.24
N CYS A 565 2.08 -16.07 16.12
CA CYS A 565 3.41 -15.67 15.75
C CYS A 565 4.30 -16.87 15.46
N ASP A 566 4.30 -17.89 16.35
CA ASP A 566 5.20 -19.01 16.12
C ASP A 566 4.80 -19.76 14.83
N THR A 567 3.49 -19.94 14.59
CA THR A 567 3.02 -20.66 13.40
C THR A 567 3.39 -19.89 12.13
N TRP A 568 3.25 -18.55 12.16
CA TRP A 568 3.65 -17.72 11.02
C TRP A 568 5.15 -17.85 10.80
N CYS A 569 5.94 -17.70 11.89
CA CYS A 569 7.39 -17.65 11.76
C CYS A 569 8.00 -18.97 11.28
N ILE A 570 7.45 -20.10 11.72
CA ILE A 570 7.99 -21.39 11.27
C ILE A 570 7.92 -21.48 9.75
N GLU A 571 6.79 -21.09 9.17
CA GLU A 571 6.64 -21.25 7.72
C GLU A 571 7.31 -20.13 6.98
N ALA A 572 7.29 -18.91 7.51
CA ALA A 572 7.98 -17.80 6.83
C ALA A 572 9.50 -18.05 6.80
N ALA A 573 10.06 -18.55 7.92
CA ALA A 573 11.49 -18.88 7.95
C ALA A 573 11.81 -19.95 6.90
N ALA A 574 10.93 -20.97 6.73
CA ALA A 574 11.15 -21.97 5.71
C ALA A 574 11.11 -21.36 4.31
N ARG A 575 10.17 -20.42 4.05
CA ARG A 575 10.13 -19.80 2.72
C ARG A 575 11.40 -18.99 2.44
N ILE A 576 11.92 -18.28 3.44
CA ILE A 576 13.15 -17.53 3.23
C ILE A 576 14.35 -18.48 3.04
N ARG A 577 14.43 -19.55 3.84
CA ARG A 577 15.52 -20.52 3.69
C ARG A 577 15.51 -21.13 2.29
N GLU A 578 14.36 -21.66 1.84
CA GLU A 578 14.28 -22.28 0.54
C GLU A 578 14.45 -21.26 -0.57
N GLY A 579 13.82 -20.09 -0.42
CA GLY A 579 13.96 -19.07 -1.46
C GLY A 579 15.38 -18.57 -1.63
N MET A 580 16.09 -18.37 -0.52
CA MET A 580 17.46 -17.85 -0.66
C MET A 580 18.40 -18.95 -1.19
N ALA A 581 18.16 -20.21 -0.83
CA ALA A 581 18.94 -21.31 -1.42
C ALA A 581 18.75 -21.39 -2.93
N ALA A 582 17.51 -21.13 -3.40
CA ALA A 582 17.27 -21.19 -4.83
C ALA A 582 18.06 -20.09 -5.55
N LEU A 583 18.22 -18.92 -4.89
CA LEU A 583 18.92 -17.82 -5.54
C LEU A 583 20.42 -18.02 -5.55
N GLN A 584 20.97 -18.71 -4.55
CA GLN A 584 22.41 -18.76 -4.35
C GLN A 584 23.00 -20.09 -4.80
N SER A 585 22.42 -21.19 -4.38
CA SER A 585 23.12 -22.45 -4.49
C SER A 585 22.42 -23.46 -5.39
N ASP A 586 21.33 -23.08 -6.06
CA ASP A 586 20.60 -23.99 -6.91
C ASP A 586 21.13 -24.00 -8.33
N PRO A 587 21.59 -25.14 -8.85
CA PRO A 587 22.18 -25.10 -10.18
C PRO A 587 21.17 -25.07 -11.33
N TRP A 588 19.88 -25.20 -11.09
CA TRP A 588 18.80 -25.18 -12.09
C TRP A 588 18.11 -23.83 -12.17
N GLN A 589 18.41 -22.91 -11.24
CA GLN A 589 17.69 -21.62 -11.20
C GLN A 589 17.95 -20.83 -12.46
N GLN A 590 19.19 -20.79 -12.93
CA GLN A 590 19.48 -20.02 -14.13
C GLN A 590 18.82 -20.65 -15.36
N GLU A 591 18.66 -22.00 -15.38
CA GLU A 591 17.93 -22.64 -16.47
C GLU A 591 16.47 -22.20 -16.46
N LEU A 592 15.84 -22.12 -15.27
CA LEU A 592 14.47 -21.62 -15.22
C LEU A 592 14.39 -20.22 -15.79
N TYR A 593 15.31 -19.33 -15.41
CA TYR A 593 15.22 -17.96 -15.91
C TYR A 593 15.35 -17.91 -17.42
N ARG A 594 16.34 -18.63 -17.98
CA ARG A 594 16.48 -18.63 -19.42
C ARG A 594 15.23 -19.17 -20.10
N ASN A 595 14.62 -20.21 -19.50
CA ASN A 595 13.43 -20.77 -20.12
C ASN A 595 12.21 -19.85 -19.98
N PHE A 596 12.10 -19.10 -18.89
CA PHE A 596 10.96 -18.19 -18.83
C PHE A 596 11.05 -17.19 -19.99
N LYS A 597 12.24 -16.67 -20.24
CA LYS A 597 12.40 -15.71 -21.32
C LYS A 597 12.16 -16.38 -22.68
N SER A 598 12.71 -17.57 -22.91
CA SER A 598 12.51 -18.22 -24.21
C SER A 598 11.05 -18.57 -24.45
N ILE A 599 10.36 -19.11 -23.42
CA ILE A 599 8.95 -19.47 -23.60
C ILE A 599 8.14 -18.21 -23.90
N SER A 600 8.36 -17.13 -23.13
CA SER A 600 7.61 -15.91 -23.37
C SER A 600 7.87 -15.38 -24.78
N LYS A 601 9.13 -15.38 -25.24
CA LYS A 601 9.44 -14.92 -26.60
C LYS A 601 8.69 -15.74 -27.65
N ALA A 602 8.58 -17.06 -27.44
CA ALA A 602 7.87 -17.91 -28.40
C ALA A 602 6.38 -17.56 -28.41
N LEU A 603 5.80 -17.28 -27.24
CA LEU A 603 4.39 -16.88 -27.17
C LEU A 603 4.16 -15.58 -27.91
N VAL A 604 5.03 -14.57 -27.67
CA VAL A 604 4.86 -13.28 -28.33
C VAL A 604 5.00 -13.43 -29.84
N GLU A 605 5.90 -14.29 -30.30
CA GLU A 605 6.06 -14.45 -31.73
C GLU A 605 4.81 -15.02 -32.36
N ARG A 606 4.12 -15.94 -31.64
CA ARG A 606 2.93 -16.58 -32.18
C ARG A 606 1.67 -15.76 -31.95
N GLY A 607 1.65 -14.89 -30.94
CA GLY A 607 0.41 -14.22 -30.53
C GLY A 607 -0.42 -14.99 -29.52
N GLY A 608 0.13 -16.04 -28.92
CA GLY A 608 -0.65 -16.85 -27.98
C GLY A 608 0.03 -18.20 -27.84
N VAL A 609 -0.72 -19.16 -27.28
CA VAL A 609 -0.21 -20.52 -27.11
C VAL A 609 0.36 -21.02 -28.45
N VAL A 610 1.55 -21.63 -28.38
CA VAL A 610 2.23 -22.06 -29.60
C VAL A 610 1.72 -23.43 -30.05
N THR A 611 1.53 -24.35 -29.10
CA THR A 611 1.07 -25.68 -29.39
C THR A 611 -0.42 -25.65 -29.77
N SER A 612 -0.81 -26.60 -30.63
CA SER A 612 -2.23 -26.93 -30.81
C SER A 612 -2.63 -27.84 -29.65
N ASN A 613 -3.86 -28.38 -29.68
CA ASN A 613 -4.19 -29.46 -28.76
C ASN A 613 -3.57 -30.75 -29.32
N PRO A 614 -3.65 -31.88 -28.60
CA PRO A 614 -2.92 -33.08 -29.05
C PRO A 614 -3.36 -33.57 -30.42
N LEU A 615 -4.57 -33.24 -30.87
CA LEU A 615 -5.02 -33.70 -32.19
C LEU A 615 -4.37 -32.91 -33.32
N GLY A 616 -3.91 -31.68 -33.05
CA GLY A 616 -3.23 -30.89 -34.06
C GLY A 616 -4.11 -29.98 -34.89
N PHE A 617 -5.41 -29.93 -34.61
CA PHE A 617 -6.28 -29.03 -35.34
C PHE A 617 -7.43 -28.64 -34.44
#